data_3DAA
#
_entry.id   3DAA
#
_cell.length_a   77.100
_cell.length_b   78.300
_cell.length_c   88.400
_cell.angle_alpha   90.00
_cell.angle_beta   90.00
_cell.angle_gamma   90.00
#
_symmetry.space_group_name_H-M   'P 21 21 21'
#
loop_
_entity.id
_entity.type
_entity.pdbx_description
1 polymer 'D-AMINO ACID AMINOTRANSFERASE'
2 non-polymer "N-(5'-PHOSPHOPYRIDOXYL)-D-ALANINE"
3 water water
#
_entity_poly.entity_id   1
_entity_poly.type   'polypeptide(L)'
_entity_poly.pdbx_seq_one_letter_code
;GYTLWNDQIVKDEEVKIDKEDRGYQFGDGVYEVVKVYNGEMFTVNEHIDRLYASAEKIRITIPYTKDKFHQLLHELVEKN
ELNTGHIYFQVTRGTSPRAHQFPENTVKPVIIGYTKENPRPLENLEKGVKATFVEDIRWLRCDIKSLNLLGAVLAKQEAH
EKGCYEAILHRNNTVTEGSSSNVFGIKDGILYTHPANNMILKGITRDVVIACANEINMPVKEIPFTTHEALKMDELFVTS
TTSEITPVIEIDGKLIRDGKVGEWTRKLQKQFETKIP
;
_entity_poly.pdbx_strand_id   A,B
#
# COMPACT_ATOMS: atom_id res chain seq x y z
N GLY A 1 -15.04 -16.02 19.64
CA GLY A 1 -15.17 -16.88 18.42
C GLY A 1 -13.89 -17.57 17.99
N TYR A 2 -13.87 -18.08 16.77
CA TYR A 2 -12.71 -18.77 16.22
C TYR A 2 -12.14 -18.11 14.97
N THR A 3 -10.82 -18.11 14.90
CA THR A 3 -10.09 -17.51 13.78
C THR A 3 -9.22 -18.57 13.09
N LEU A 4 -9.12 -18.49 11.76
CA LEU A 4 -8.26 -19.39 11.00
C LEU A 4 -6.86 -18.74 11.06
N TRP A 5 -5.92 -19.42 11.69
CA TRP A 5 -4.57 -18.91 11.82
C TRP A 5 -3.68 -19.93 11.14
N ASN A 6 -3.20 -19.57 9.96
CA ASN A 6 -2.36 -20.45 9.15
C ASN A 6 -3.22 -21.65 8.72
N ASP A 7 -2.96 -22.85 9.23
CA ASP A 7 -3.81 -23.99 8.86
C ASP A 7 -4.59 -24.54 10.05
N GLN A 8 -4.64 -23.73 11.11
CA GLN A 8 -5.33 -24.09 12.35
C GLN A 8 -6.56 -23.23 12.65
N ILE A 9 -7.49 -23.81 13.42
CA ILE A 9 -8.69 -23.11 13.86
C ILE A 9 -8.46 -22.89 15.35
N VAL A 10 -8.25 -21.65 15.74
CA VAL A 10 -7.96 -21.28 17.13
C VAL A 10 -8.91 -20.23 17.71
N LYS A 11 -8.95 -20.13 19.04
CA LYS A 11 -9.80 -19.16 19.69
C LYS A 11 -9.29 -17.75 19.35
N ASP A 12 -10.19 -16.81 19.18
CA ASP A 12 -9.83 -15.43 18.84
C ASP A 12 -8.67 -14.86 19.64
N GLU A 13 -8.71 -15.04 20.96
CA GLU A 13 -7.71 -14.53 21.90
C GLU A 13 -6.28 -15.07 21.75
N GLU A 14 -6.09 -16.14 20.99
CA GLU A 14 -4.77 -16.73 20.80
C GLU A 14 -3.93 -16.10 19.70
N VAL A 15 -4.59 -15.43 18.76
CA VAL A 15 -3.92 -14.81 17.60
C VAL A 15 -3.16 -13.51 17.85
N LYS A 16 -1.88 -13.51 17.48
CA LYS A 16 -1.01 -12.33 17.58
C LYS A 16 -0.13 -12.26 16.34
N ILE A 17 0.07 -11.05 15.84
CA ILE A 17 0.84 -10.81 14.62
C ILE A 17 2.26 -10.31 14.93
N ASP A 18 3.26 -10.82 14.21
CA ASP A 18 4.63 -10.37 14.44
C ASP A 18 4.88 -9.00 13.79
N LYS A 19 5.61 -8.14 14.50
CA LYS A 19 5.91 -6.78 14.01
C LYS A 19 6.66 -6.81 12.68
N GLU A 20 7.31 -7.94 12.40
CA GLU A 20 8.06 -8.12 11.16
C GLU A 20 7.33 -8.95 10.10
N ASP A 21 6.00 -9.07 10.26
CA ASP A 21 5.16 -9.76 9.28
C ASP A 21 5.21 -8.75 8.13
N ARG A 22 5.53 -9.21 6.92
CA ARG A 22 5.63 -8.31 5.76
C ARG A 22 4.31 -7.62 5.42
N GLY A 23 3.20 -8.16 5.94
CA GLY A 23 1.91 -7.56 5.71
C GLY A 23 1.74 -6.33 6.59
N TYR A 24 2.52 -6.28 7.66
CA TYR A 24 2.48 -5.16 8.61
C TYR A 24 3.50 -4.07 8.26
N GLN A 25 4.59 -4.43 7.60
CA GLN A 25 5.61 -3.44 7.23
C GLN A 25 5.56 -2.98 5.77
N PHE A 26 4.99 -3.80 4.89
CA PHE A 26 4.94 -3.49 3.47
C PHE A 26 3.55 -3.62 2.85
N GLY A 27 2.60 -4.19 3.60
CA GLY A 27 1.27 -4.41 3.05
C GLY A 27 1.43 -5.46 1.96
N ASP A 28 2.47 -6.28 2.14
CA ASP A 28 2.86 -7.35 1.20
C ASP A 28 1.97 -8.59 1.39
N GLY A 29 0.76 -8.51 0.86
CA GLY A 29 -0.18 -9.62 0.98
C GLY A 29 -1.43 -9.33 0.18
N VAL A 30 -2.27 -10.34 0.01
CA VAL A 30 -3.51 -10.24 -0.75
C VAL A 30 -4.68 -10.72 0.11
N TYR A 31 -5.91 -10.37 -0.26
CA TYR A 31 -7.05 -10.78 0.55
C TYR A 31 -8.35 -11.03 -0.23
N GLU A 32 -9.37 -11.52 0.50
CA GLU A 32 -10.67 -11.81 -0.06
C GLU A 32 -11.79 -11.61 0.97
N VAL A 33 -13.00 -11.38 0.48
CA VAL A 33 -14.18 -11.24 1.34
C VAL A 33 -15.22 -12.12 0.67
N VAL A 34 -15.80 -13.06 1.42
CA VAL A 34 -16.82 -13.96 0.89
C VAL A 34 -18.11 -13.81 1.68
N LYS A 35 -19.20 -13.52 0.98
CA LYS A 35 -20.51 -13.36 1.62
C LYS A 35 -21.13 -14.72 1.91
N VAL A 36 -21.74 -14.83 3.08
CA VAL A 36 -22.41 -16.06 3.50
C VAL A 36 -23.90 -15.80 3.68
N TYR A 37 -24.72 -16.64 3.03
CA TYR A 37 -26.18 -16.51 3.09
C TYR A 37 -26.80 -17.74 3.75
N ASN A 38 -27.34 -17.54 4.95
CA ASN A 38 -27.95 -18.62 5.71
C ASN A 38 -27.01 -19.83 5.80
N GLY A 39 -25.77 -19.56 6.21
CA GLY A 39 -24.78 -20.61 6.36
C GLY A 39 -24.18 -21.13 5.07
N GLU A 40 -24.54 -20.50 3.95
CA GLU A 40 -24.03 -20.91 2.64
C GLU A 40 -23.10 -19.84 2.06
N MET A 41 -21.88 -20.26 1.69
CA MET A 41 -20.91 -19.34 1.10
C MET A 41 -21.25 -19.10 -0.37
N PHE A 42 -21.41 -17.83 -0.74
CA PHE A 42 -21.73 -17.47 -2.12
C PHE A 42 -20.45 -17.38 -2.96
N THR A 43 -20.48 -18.02 -4.13
CA THR A 43 -19.36 -18.07 -5.08
C THR A 43 -17.96 -18.19 -4.45
N VAL A 44 -17.85 -19.11 -3.49
CA VAL A 44 -16.59 -19.33 -2.79
C VAL A 44 -15.49 -19.85 -3.71
N ASN A 45 -15.88 -20.60 -4.74
CA ASN A 45 -14.92 -21.14 -5.72
C ASN A 45 -14.19 -20.01 -6.45
N GLU A 46 -14.96 -19.00 -6.86
CA GLU A 46 -14.40 -17.85 -7.56
C GLU A 46 -13.51 -17.01 -6.65
N HIS A 47 -13.94 -16.83 -5.41
CA HIS A 47 -13.16 -16.05 -4.45
C HIS A 47 -11.83 -16.73 -4.06
N ILE A 48 -11.84 -18.05 -3.92
CA ILE A 48 -10.63 -18.77 -3.58
C ILE A 48 -9.65 -18.76 -4.75
N ASP A 49 -10.20 -18.91 -5.96
CA ASP A 49 -9.39 -18.90 -7.17
C ASP A 49 -8.70 -17.55 -7.31
N ARG A 50 -9.42 -16.48 -7.01
CA ARG A 50 -8.84 -15.13 -7.10
C ARG A 50 -7.78 -14.94 -6.00
N LEU A 51 -7.99 -15.50 -4.81
CA LEU A 51 -7.00 -15.36 -3.74
C LEU A 51 -5.68 -15.95 -4.21
N TYR A 52 -5.73 -17.15 -4.80
CA TYR A 52 -4.52 -17.79 -5.29
C TYR A 52 -3.94 -17.05 -6.50
N ALA A 53 -4.81 -16.45 -7.32
CA ALA A 53 -4.36 -15.70 -8.49
C ALA A 53 -3.64 -14.42 -8.07
N SER A 54 -4.21 -13.69 -7.10
CA SER A 54 -3.60 -12.46 -6.59
C SER A 54 -2.22 -12.82 -6.02
N ALA A 55 -2.18 -13.92 -5.27
CA ALA A 55 -0.95 -14.43 -4.67
C ALA A 55 0.10 -14.71 -5.75
N GLU A 56 -0.26 -15.49 -6.75
CA GLU A 56 0.66 -15.81 -7.85
C GLU A 56 1.19 -14.55 -8.52
N LYS A 57 0.34 -13.52 -8.62
CA LYS A 57 0.72 -12.25 -9.25
C LYS A 57 1.84 -11.52 -8.52
N ILE A 58 1.98 -11.76 -7.23
CA ILE A 58 3.06 -11.16 -6.47
C ILE A 58 3.99 -12.25 -5.93
N ARG A 59 3.97 -13.38 -6.63
CA ARG A 59 4.78 -14.56 -6.35
C ARG A 59 4.84 -15.11 -4.91
N ILE A 60 3.66 -15.19 -4.28
CA ILE A 60 3.57 -15.76 -2.94
C ILE A 60 2.99 -17.15 -3.15
N THR A 61 3.67 -18.15 -2.63
CA THR A 61 3.22 -19.52 -2.75
C THR A 61 2.45 -19.91 -1.49
N ILE A 62 1.12 -19.91 -1.59
CA ILE A 62 0.28 -20.31 -0.47
C ILE A 62 0.71 -21.75 -0.11
N PRO A 63 1.13 -21.97 1.15
CA PRO A 63 1.61 -23.22 1.75
C PRO A 63 0.74 -24.47 1.61
N TYR A 64 -0.58 -24.30 1.45
CA TYR A 64 -1.45 -25.44 1.24
C TYR A 64 -2.34 -25.22 0.04
N THR A 65 -2.83 -26.31 -0.52
CA THR A 65 -3.65 -26.26 -1.71
C THR A 65 -5.12 -25.87 -1.53
N LYS A 66 -5.73 -25.40 -2.63
CA LYS A 66 -7.13 -24.95 -2.67
C LYS A 66 -8.11 -25.83 -1.94
N ASP A 67 -8.04 -27.14 -2.18
CA ASP A 67 -8.94 -28.10 -1.55
C ASP A 67 -8.89 -27.96 -0.02
N LYS A 68 -7.68 -27.79 0.51
CA LYS A 68 -7.45 -27.61 1.94
C LYS A 68 -7.96 -26.24 2.43
N PHE A 69 -7.87 -25.24 1.55
CA PHE A 69 -8.34 -23.91 1.92
C PHE A 69 -9.87 -23.88 2.05
N HIS A 70 -10.58 -24.50 1.10
CA HIS A 70 -12.04 -24.57 1.12
C HIS A 70 -12.52 -25.32 2.38
N GLN A 71 -11.84 -26.42 2.69
CA GLN A 71 -12.15 -27.24 3.85
C GLN A 71 -12.02 -26.42 5.15
N LEU A 72 -10.96 -25.63 5.25
CA LEU A 72 -10.72 -24.79 6.42
C LEU A 72 -11.75 -23.67 6.53
N LEU A 73 -12.17 -23.14 5.39
CA LEU A 73 -13.18 -22.08 5.39
C LEU A 73 -14.53 -22.66 5.75
N HIS A 74 -14.78 -23.89 5.32
CA HIS A 74 -16.04 -24.55 5.60
C HIS A 74 -16.21 -24.79 7.11
N GLU A 75 -15.15 -25.23 7.80
CA GLU A 75 -15.24 -25.48 9.23
C GLU A 75 -15.24 -24.20 10.05
N LEU A 76 -14.66 -23.13 9.50
CA LEU A 76 -14.61 -21.85 10.20
C LEU A 76 -16.02 -21.29 10.39
N VAL A 77 -16.83 -21.39 9.34
CA VAL A 77 -18.21 -20.93 9.34
C VAL A 77 -19.05 -21.75 10.34
N GLU A 78 -18.87 -23.06 10.30
CA GLU A 78 -19.59 -23.98 11.20
C GLU A 78 -19.20 -23.75 12.66
N LYS A 79 -17.91 -23.50 12.89
CA LYS A 79 -17.37 -23.27 14.23
C LYS A 79 -17.86 -21.95 14.83
N ASN A 80 -18.09 -20.96 13.98
CA ASN A 80 -18.57 -19.65 14.43
C ASN A 80 -20.09 -19.56 14.36
N GLU A 81 -20.71 -20.60 13.80
CA GLU A 81 -22.16 -20.67 13.64
C GLU A 81 -22.66 -19.45 12.85
N LEU A 82 -21.90 -19.07 11.83
CA LEU A 82 -22.26 -17.91 11.00
C LEU A 82 -23.49 -18.21 10.16
N ASN A 83 -24.51 -17.37 10.29
CA ASN A 83 -25.74 -17.51 9.52
C ASN A 83 -25.67 -16.61 8.30
N THR A 84 -25.76 -15.30 8.51
CA THR A 84 -25.68 -14.35 7.41
C THR A 84 -24.71 -13.23 7.73
N GLY A 85 -23.67 -13.12 6.90
CA GLY A 85 -22.64 -12.11 7.08
C GLY A 85 -21.53 -12.39 6.09
N HIS A 86 -20.27 -12.32 6.52
CA HIS A 86 -19.16 -12.58 5.60
C HIS A 86 -17.92 -13.18 6.27
N ILE A 87 -17.04 -13.70 5.42
CA ILE A 87 -15.78 -14.27 5.87
C ILE A 87 -14.68 -13.43 5.25
N TYR A 88 -13.75 -12.95 6.08
CA TYR A 88 -12.63 -12.17 5.57
C TYR A 88 -11.38 -13.02 5.74
N PHE A 89 -10.58 -13.14 4.68
CA PHE A 89 -9.32 -13.89 4.78
C PHE A 89 -8.17 -13.28 3.96
N GLN A 90 -6.96 -13.38 4.52
CA GLN A 90 -5.78 -12.83 3.87
C GLN A 90 -4.53 -13.70 4.06
N VAL A 91 -3.55 -13.47 3.20
CA VAL A 91 -2.29 -14.18 3.24
C VAL A 91 -1.17 -13.18 2.90
N THR A 92 -0.15 -13.12 3.75
CA THR A 92 1.00 -12.23 3.55
C THR A 92 2.19 -13.10 3.15
N ARG A 93 3.29 -12.49 2.72
CA ARG A 93 4.48 -13.26 2.35
C ARG A 93 5.13 -13.95 3.55
N GLY A 94 4.84 -13.46 4.77
CA GLY A 94 5.41 -14.07 5.96
C GLY A 94 6.27 -13.13 6.80
N THR A 95 6.81 -13.68 7.89
CA THR A 95 7.65 -12.93 8.82
C THR A 95 9.13 -13.19 8.63
N SER A 96 9.91 -12.12 8.52
CA SER A 96 11.36 -12.21 8.36
C SER A 96 11.99 -10.85 8.56
N PRO A 97 13.30 -10.81 8.88
CA PRO A 97 13.98 -9.52 9.09
C PRO A 97 13.71 -8.54 7.94
N ARG A 98 13.27 -7.34 8.30
CA ARG A 98 12.90 -6.31 7.34
C ARG A 98 13.90 -5.98 6.24
N ALA A 99 13.42 -6.14 5.01
CA ALA A 99 14.18 -5.85 3.79
C ALA A 99 13.15 -5.84 2.65
N HIS A 100 13.25 -4.89 1.73
CA HIS A 100 12.29 -4.79 0.64
C HIS A 100 12.15 -6.04 -0.25
N GLN A 101 13.28 -6.61 -0.67
CA GLN A 101 13.23 -7.79 -1.53
C GLN A 101 12.67 -9.02 -0.84
N PHE A 102 12.31 -10.03 -1.63
CA PHE A 102 11.76 -11.30 -1.14
C PHE A 102 12.78 -11.97 -0.20
N PRO A 103 12.32 -12.57 0.91
CA PRO A 103 13.26 -13.24 1.82
C PRO A 103 14.09 -14.28 1.07
N GLU A 104 15.42 -14.15 1.18
CA GLU A 104 16.39 -15.03 0.52
C GLU A 104 16.04 -16.52 0.61
N ASN A 105 15.65 -16.94 1.81
CA ASN A 105 15.25 -18.32 2.01
C ASN A 105 13.74 -18.31 2.24
N THR A 106 13.01 -18.99 1.37
CA THR A 106 11.56 -19.06 1.43
C THR A 106 10.94 -19.28 2.83
N VAL A 107 10.28 -18.23 3.35
CA VAL A 107 9.61 -18.28 4.65
C VAL A 107 8.15 -18.70 4.42
N LYS A 108 7.47 -19.10 5.49
CA LYS A 108 6.08 -19.53 5.38
C LYS A 108 5.09 -18.37 5.42
N PRO A 109 4.18 -18.28 4.42
CA PRO A 109 3.17 -17.23 4.34
C PRO A 109 2.17 -17.29 5.51
N VAL A 110 1.81 -16.14 6.06
CA VAL A 110 0.87 -16.09 7.17
C VAL A 110 -0.57 -15.96 6.69
N ILE A 111 -1.45 -16.79 7.24
CA ILE A 111 -2.86 -16.78 6.86
C ILE A 111 -3.79 -16.44 8.01
N ILE A 112 -4.73 -15.52 7.76
CA ILE A 112 -5.71 -15.10 8.75
C ILE A 112 -7.09 -15.11 8.12
N GLY A 113 -8.06 -15.69 8.82
CA GLY A 113 -9.42 -15.74 8.33
C GLY A 113 -10.40 -15.69 9.49
N TYR A 114 -11.38 -14.80 9.41
CA TYR A 114 -12.38 -14.70 10.47
C TYR A 114 -13.77 -14.37 9.91
N THR A 115 -14.79 -14.45 10.75
CA THR A 115 -16.16 -14.20 10.31
C THR A 115 -16.85 -13.02 11.00
N LYS A 116 -18.00 -12.63 10.46
CA LYS A 116 -18.77 -11.53 11.01
C LYS A 116 -20.23 -11.57 10.59
N GLU A 117 -21.13 -11.48 11.58
CA GLU A 117 -22.58 -11.47 11.31
C GLU A 117 -22.89 -10.08 10.78
N ASN A 118 -23.55 -10.03 9.63
CA ASN A 118 -23.91 -8.76 9.00
C ASN A 118 -25.00 -9.07 7.96
N PRO A 119 -26.20 -8.49 8.13
CA PRO A 119 -27.31 -8.71 7.18
C PRO A 119 -27.08 -8.07 5.80
N ARG A 120 -27.96 -8.38 4.84
CA ARG A 120 -27.87 -7.81 3.49
C ARG A 120 -28.25 -6.33 3.57
N PRO A 121 -27.69 -5.49 2.68
CA PRO A 121 -28.00 -4.05 2.67
C PRO A 121 -29.33 -3.75 2.00
N LEU A 122 -30.41 -4.34 2.54
CA LEU A 122 -31.76 -4.20 1.99
C LEU A 122 -32.26 -2.79 1.74
N GLU A 123 -32.09 -1.90 2.70
CA GLU A 123 -32.51 -0.51 2.55
C GLU A 123 -31.79 0.15 1.36
N ASN A 124 -30.50 -0.10 1.21
CA ASN A 124 -29.73 0.47 0.09
C ASN A 124 -30.14 -0.14 -1.26
N LEU A 125 -30.41 -1.44 -1.27
CA LEU A 125 -30.81 -2.14 -2.48
C LEU A 125 -32.15 -1.64 -3.01
N GLU A 126 -33.00 -1.25 -2.07
CA GLU A 126 -34.34 -0.75 -2.38
C GLU A 126 -34.36 0.74 -2.74
N LYS A 127 -33.75 1.55 -1.89
CA LYS A 127 -33.75 2.99 -2.02
C LYS A 127 -32.64 3.67 -2.84
N GLY A 128 -31.47 3.05 -2.92
CA GLY A 128 -30.37 3.68 -3.65
C GLY A 128 -29.58 4.56 -2.69
N VAL A 129 -28.42 5.05 -3.13
CA VAL A 129 -27.58 5.89 -2.28
C VAL A 129 -26.92 7.09 -3.00
N LYS A 130 -26.31 7.98 -2.22
CA LYS A 130 -25.61 9.14 -2.76
C LYS A 130 -24.13 8.79 -2.87
N ALA A 131 -23.49 9.28 -3.94
CA ALA A 131 -22.07 9.02 -4.16
C ALA A 131 -21.38 10.35 -4.43
N THR A 132 -20.05 10.32 -4.48
CA THR A 132 -19.25 11.52 -4.73
C THR A 132 -18.03 11.17 -5.55
N PHE A 133 -17.63 12.08 -6.44
CA PHE A 133 -16.45 11.87 -7.28
C PHE A 133 -15.17 12.20 -6.51
N VAL A 134 -14.17 11.35 -6.65
CA VAL A 134 -12.89 11.52 -5.96
C VAL A 134 -11.77 11.05 -6.88
N GLU A 135 -10.75 11.90 -7.07
CA GLU A 135 -9.62 11.56 -7.94
C GLU A 135 -8.93 10.26 -7.51
N ASP A 136 -8.74 9.36 -8.48
CA ASP A 136 -8.09 8.07 -8.24
C ASP A 136 -6.59 8.30 -8.21
N ILE A 137 -6.00 8.21 -7.03
CA ILE A 137 -4.57 8.44 -6.86
C ILE A 137 -3.77 7.18 -6.48
N ARG A 138 -4.40 6.02 -6.65
CA ARG A 138 -3.80 4.73 -6.31
C ARG A 138 -2.71 4.26 -7.29
N TRP A 139 -2.05 3.15 -6.96
CA TRP A 139 -0.99 2.60 -7.81
C TRP A 139 -1.53 2.00 -9.12
N LEU A 140 -0.62 1.52 -9.97
CA LEU A 140 -1.01 0.98 -11.27
C LEU A 140 -1.26 -0.52 -11.41
N ARG A 141 -1.45 -1.22 -10.29
CA ARG A 141 -1.75 -2.64 -10.34
C ARG A 141 -3.02 -2.93 -9.53
N CYS A 142 -4.09 -2.23 -9.86
CA CYS A 142 -5.38 -2.38 -9.18
C CYS A 142 -6.07 -3.71 -9.50
N ASP A 143 -5.45 -4.50 -10.38
CA ASP A 143 -5.97 -5.83 -10.72
C ASP A 143 -5.62 -6.86 -9.63
N ILE A 144 -4.63 -6.52 -8.79
CA ILE A 144 -4.20 -7.36 -7.67
C ILE A 144 -4.94 -6.85 -6.44
N LYS A 145 -5.63 -7.75 -5.73
CA LYS A 145 -6.38 -7.39 -4.52
C LYS A 145 -5.43 -7.45 -3.33
N SER A 146 -4.54 -6.47 -3.25
CA SER A 146 -3.53 -6.39 -2.20
C SER A 146 -3.95 -5.60 -0.96
N LEU A 147 -3.11 -5.69 0.07
CA LEU A 147 -3.32 -5.01 1.35
C LEU A 147 -2.94 -3.51 1.31
N ASN A 148 -2.36 -3.06 0.19
CA ASN A 148 -1.99 -1.65 0.02
C ASN A 148 -3.32 -0.96 -0.29
N LEU A 149 -4.04 -0.56 0.74
CA LEU A 149 -5.35 0.07 0.60
C LEU A 149 -5.49 1.50 1.14
N LEU A 150 -4.37 2.18 1.36
CA LEU A 150 -4.39 3.53 1.90
C LEU A 150 -5.18 4.52 1.04
N GLY A 151 -5.06 4.38 -0.28
CA GLY A 151 -5.79 5.26 -1.19
C GLY A 151 -7.28 5.11 -0.99
N ALA A 152 -7.78 3.87 -0.96
CA ALA A 152 -9.20 3.58 -0.77
C ALA A 152 -9.73 4.02 0.62
N VAL A 153 -8.87 3.98 1.63
CA VAL A 153 -9.21 4.41 2.99
C VAL A 153 -9.54 5.91 2.96
N LEU A 154 -8.60 6.71 2.48
CA LEU A 154 -8.77 8.16 2.40
C LEU A 154 -9.98 8.54 1.55
N ALA A 155 -10.22 7.79 0.47
CA ALA A 155 -11.37 8.04 -0.42
C ALA A 155 -12.70 7.73 0.27
N LYS A 156 -12.78 6.58 0.94
CA LYS A 156 -13.99 6.18 1.64
C LYS A 156 -14.32 7.21 2.73
N GLN A 157 -13.29 7.63 3.46
CA GLN A 157 -13.46 8.62 4.51
C GLN A 157 -14.04 9.92 3.98
N GLU A 158 -13.56 10.36 2.82
CA GLU A 158 -14.06 11.58 2.21
C GLU A 158 -15.56 11.46 1.94
N ALA A 159 -15.96 10.36 1.32
CA ALA A 159 -17.35 10.07 1.00
C ALA A 159 -18.22 10.06 2.24
N HIS A 160 -17.77 9.41 3.32
CA HIS A 160 -18.54 9.36 4.56
C HIS A 160 -18.69 10.72 5.20
N GLU A 161 -17.66 11.55 5.09
CA GLU A 161 -17.69 12.89 5.65
C GLU A 161 -18.73 13.75 4.92
N LYS A 162 -19.05 13.38 3.68
CA LYS A 162 -20.04 14.10 2.88
C LYS A 162 -21.40 13.40 2.93
N GLY A 163 -21.54 12.40 3.79
CA GLY A 163 -22.79 11.67 3.88
C GLY A 163 -23.07 10.76 2.68
N CYS A 164 -22.02 10.43 1.93
CA CYS A 164 -22.15 9.57 0.76
C CYS A 164 -21.75 8.14 1.11
N TYR A 165 -22.41 7.17 0.47
CA TYR A 165 -22.12 5.77 0.73
C TYR A 165 -20.83 5.31 0.06
N GLU A 166 -20.51 5.90 -1.08
CA GLU A 166 -19.33 5.49 -1.83
C GLU A 166 -18.62 6.62 -2.57
N ALA A 167 -17.32 6.45 -2.76
CA ALA A 167 -16.52 7.41 -3.49
C ALA A 167 -16.26 6.80 -4.88
N ILE A 168 -16.71 7.49 -5.92
CA ILE A 168 -16.51 7.02 -7.28
C ILE A 168 -15.20 7.63 -7.80
N LEU A 169 -14.20 6.76 -7.98
CA LEU A 169 -12.88 7.18 -8.41
C LEU A 169 -12.74 7.40 -9.92
N HIS A 170 -11.88 8.36 -10.26
CA HIS A 170 -11.63 8.69 -11.66
C HIS A 170 -10.19 9.17 -11.89
N ARG A 171 -9.63 8.72 -13.01
CA ARG A 171 -8.29 9.07 -13.44
C ARG A 171 -8.45 10.10 -14.53
N ASN A 172 -8.21 11.37 -14.17
CA ASN A 172 -8.30 12.47 -15.11
C ASN A 172 -9.67 12.53 -15.80
N ASN A 173 -10.72 12.45 -14.98
CA ASN A 173 -12.10 12.51 -15.42
C ASN A 173 -12.70 11.19 -15.93
N THR A 174 -11.87 10.16 -16.09
CA THR A 174 -12.35 8.85 -16.55
C THR A 174 -12.68 7.96 -15.36
N VAL A 175 -13.94 7.55 -15.25
CA VAL A 175 -14.37 6.71 -14.14
C VAL A 175 -13.72 5.32 -14.21
N THR A 176 -13.12 4.89 -13.09
CA THR A 176 -12.49 3.57 -13.03
C THR A 176 -13.35 2.63 -12.18
N GLU A 177 -13.26 2.74 -10.87
CA GLU A 177 -14.05 1.94 -9.95
C GLU A 177 -14.30 2.70 -8.65
N GLY A 178 -15.03 2.10 -7.72
CA GLY A 178 -15.30 2.75 -6.44
C GLY A 178 -14.20 2.38 -5.44
N SER A 179 -14.16 3.10 -4.31
CA SER A 179 -13.13 2.82 -3.30
C SER A 179 -13.12 1.36 -2.83
N SER A 180 -14.26 0.68 -2.93
CA SER A 180 -14.39 -0.73 -2.57
C SER A 180 -15.52 -1.37 -3.36
N SER A 181 -15.60 -1.02 -4.64
CA SER A 181 -16.64 -1.54 -5.52
C SER A 181 -16.35 -1.23 -6.98
N ASN A 182 -17.14 -1.84 -7.87
CA ASN A 182 -17.04 -1.58 -9.30
C ASN A 182 -18.24 -0.69 -9.63
N VAL A 183 -18.09 0.15 -10.65
CA VAL A 183 -19.15 1.08 -11.05
C VAL A 183 -19.74 0.75 -12.42
N PHE A 184 -21.08 0.76 -12.49
CA PHE A 184 -21.81 0.48 -13.72
C PHE A 184 -22.71 1.65 -14.12
N GLY A 185 -22.80 1.88 -15.43
CA GLY A 185 -23.66 2.93 -15.94
C GLY A 185 -24.60 2.34 -16.96
N ILE A 186 -25.82 2.88 -17.04
CA ILE A 186 -26.82 2.40 -18.00
C ILE A 186 -27.38 3.54 -18.83
N LYS A 187 -27.37 3.39 -20.16
CA LYS A 187 -27.91 4.40 -21.07
C LYS A 187 -28.57 3.71 -22.26
N ASP A 188 -29.86 3.98 -22.46
CA ASP A 188 -30.65 3.39 -23.54
C ASP A 188 -30.62 1.85 -23.58
N GLY A 189 -30.80 1.25 -22.40
CA GLY A 189 -30.83 -0.20 -22.27
C GLY A 189 -29.50 -0.89 -22.45
N ILE A 190 -28.41 -0.12 -22.48
CA ILE A 190 -27.08 -0.68 -22.62
C ILE A 190 -26.28 -0.54 -21.33
N LEU A 191 -25.60 -1.61 -20.94
CA LEU A 191 -24.80 -1.63 -19.71
C LEU A 191 -23.33 -1.32 -19.98
N TYR A 192 -22.83 -0.24 -19.39
CA TYR A 192 -21.44 0.17 -19.57
C TYR A 192 -20.63 0.02 -18.28
N THR A 193 -19.34 -0.27 -18.42
CA THR A 193 -18.44 -0.42 -17.28
C THR A 193 -16.98 -0.49 -17.74
N HIS A 194 -16.07 0.04 -16.93
CA HIS A 194 -14.64 0.06 -17.26
C HIS A 194 -14.10 -1.35 -17.52
N PRO A 195 -13.26 -1.51 -18.58
CA PRO A 195 -12.68 -2.82 -18.89
C PRO A 195 -11.82 -3.33 -17.74
N ALA A 196 -11.67 -4.64 -17.65
CA ALA A 196 -10.89 -5.24 -16.57
C ALA A 196 -9.40 -5.35 -16.87
N ASN A 197 -8.70 -4.22 -16.74
CA ASN A 197 -7.26 -4.18 -16.93
C ASN A 197 -6.60 -3.84 -15.59
N ASN A 198 -5.39 -3.28 -15.63
CA ASN A 198 -4.65 -2.93 -14.43
C ASN A 198 -5.24 -1.77 -13.61
N MET A 199 -6.23 -1.08 -14.18
CA MET A 199 -6.84 0.07 -13.54
C MET A 199 -7.96 -0.24 -12.55
N ILE A 200 -8.47 -1.47 -12.57
CA ILE A 200 -9.54 -1.85 -11.67
C ILE A 200 -9.43 -3.29 -11.21
N LEU A 201 -10.16 -3.61 -10.14
CA LEU A 201 -10.19 -4.98 -9.65
C LEU A 201 -11.33 -5.62 -10.41
N LYS A 202 -11.09 -6.78 -10.98
CA LYS A 202 -12.12 -7.51 -11.73
C LYS A 202 -12.99 -8.21 -10.67
N GLY A 203 -13.97 -7.47 -10.16
CA GLY A 203 -14.85 -7.99 -9.13
C GLY A 203 -15.62 -9.25 -9.45
N ILE A 204 -15.88 -10.05 -8.42
CA ILE A 204 -16.63 -11.30 -8.56
C ILE A 204 -18.10 -10.92 -8.82
N THR A 205 -18.58 -9.91 -8.10
CA THR A 205 -19.95 -9.41 -8.24
C THR A 205 -20.12 -8.79 -9.62
N ARG A 206 -19.06 -8.13 -10.08
CA ARG A 206 -19.04 -7.52 -11.40
C ARG A 206 -19.25 -8.63 -12.45
N ASP A 207 -18.53 -9.74 -12.30
CA ASP A 207 -18.66 -10.84 -13.25
C ASP A 207 -20.04 -11.51 -13.22
N VAL A 208 -20.61 -11.63 -12.02
CA VAL A 208 -21.94 -12.23 -11.86
C VAL A 208 -23.01 -11.33 -12.49
N VAL A 209 -22.84 -10.00 -12.35
CA VAL A 209 -23.78 -9.04 -12.91
C VAL A 209 -23.73 -9.05 -14.44
N ILE A 210 -22.53 -9.21 -14.99
CA ILE A 210 -22.38 -9.28 -16.44
C ILE A 210 -22.98 -10.60 -16.94
N ALA A 211 -22.85 -11.65 -16.14
CA ALA A 211 -23.43 -12.95 -16.48
C ALA A 211 -24.96 -12.83 -16.50
N CYS A 212 -25.49 -12.08 -15.53
CA CYS A 212 -26.93 -11.86 -15.44
C CYS A 212 -27.44 -11.11 -16.65
N ALA A 213 -26.68 -10.10 -17.08
CA ALA A 213 -27.04 -9.29 -18.25
C ALA A 213 -27.09 -10.14 -19.51
N ASN A 214 -26.15 -11.07 -19.65
CA ASN A 214 -26.11 -11.96 -20.80
C ASN A 214 -27.30 -12.91 -20.77
N GLU A 215 -27.70 -13.34 -19.57
CA GLU A 215 -28.82 -14.25 -19.42
C GLU A 215 -30.15 -13.58 -19.77
N ILE A 216 -30.24 -12.28 -19.50
CA ILE A 216 -31.47 -11.53 -19.83
C ILE A 216 -31.33 -10.79 -21.16
N ASN A 217 -30.23 -11.05 -21.85
CA ASN A 217 -29.91 -10.45 -23.16
C ASN A 217 -29.78 -8.93 -23.21
N MET A 218 -29.19 -8.34 -22.17
CA MET A 218 -28.96 -6.90 -22.13
C MET A 218 -27.58 -6.61 -22.74
N PRO A 219 -27.50 -5.68 -23.71
CA PRO A 219 -26.21 -5.36 -24.33
C PRO A 219 -25.20 -4.86 -23.30
N VAL A 220 -24.00 -5.43 -23.34
CA VAL A 220 -22.92 -5.04 -22.41
C VAL A 220 -21.70 -4.50 -23.18
N LYS A 221 -21.25 -3.30 -22.82
CA LYS A 221 -20.08 -2.69 -23.46
C LYS A 221 -19.05 -2.35 -22.40
N GLU A 222 -17.95 -3.09 -22.39
CA GLU A 222 -16.88 -2.86 -21.41
C GLU A 222 -15.90 -1.79 -21.88
N ILE A 223 -16.37 -0.56 -21.83
CA ILE A 223 -15.59 0.61 -22.25
C ILE A 223 -15.80 1.68 -21.18
N PRO A 224 -14.76 2.47 -20.90
CA PRO A 224 -14.90 3.51 -19.87
C PRO A 224 -15.72 4.77 -20.20
N PHE A 225 -16.28 5.38 -19.16
CA PHE A 225 -17.05 6.61 -19.30
C PHE A 225 -16.47 7.66 -18.36
N THR A 226 -16.62 8.93 -18.73
CA THR A 226 -16.11 10.03 -17.91
C THR A 226 -17.08 10.39 -16.78
N THR A 227 -16.63 11.21 -15.85
CA THR A 227 -17.47 11.65 -14.74
C THR A 227 -18.67 12.44 -15.27
N HIS A 228 -18.46 13.22 -16.33
CA HIS A 228 -19.54 14.01 -16.94
C HIS A 228 -20.59 13.15 -17.64
N GLU A 229 -20.14 12.06 -18.27
CA GLU A 229 -21.04 11.13 -18.95
C GLU A 229 -21.82 10.34 -17.92
N ALA A 230 -21.16 9.98 -16.82
CA ALA A 230 -21.78 9.23 -15.73
C ALA A 230 -22.97 10.02 -15.18
N LEU A 231 -22.82 11.35 -15.10
CA LEU A 231 -23.86 12.22 -14.60
C LEU A 231 -25.10 12.26 -15.49
N LYS A 232 -24.92 11.95 -16.77
CA LYS A 232 -26.02 11.97 -17.72
C LYS A 232 -26.52 10.58 -18.12
N MET A 233 -26.19 9.59 -17.29
CA MET A 233 -26.61 8.21 -17.50
C MET A 233 -28.07 8.08 -17.07
N ASP A 234 -28.79 7.14 -17.67
CA ASP A 234 -30.18 6.89 -17.31
C ASP A 234 -30.25 6.23 -15.94
N GLU A 235 -29.29 5.32 -15.69
CA GLU A 235 -29.20 4.57 -14.45
C GLU A 235 -27.73 4.41 -14.04
N LEU A 236 -27.50 4.19 -12.76
CA LEU A 236 -26.15 4.03 -12.22
C LEU A 236 -26.17 3.17 -10.95
N PHE A 237 -25.16 2.32 -10.77
CA PHE A 237 -25.06 1.48 -9.58
C PHE A 237 -23.63 0.99 -9.32
N VAL A 238 -23.39 0.50 -8.11
CA VAL A 238 -22.07 -0.02 -7.73
C VAL A 238 -22.20 -1.48 -7.27
N THR A 239 -21.14 -2.27 -7.47
CA THR A 239 -21.15 -3.68 -7.09
C THR A 239 -19.97 -4.10 -6.21
N SER A 240 -20.25 -4.98 -5.25
CA SER A 240 -19.23 -5.54 -4.35
C SER A 240 -19.84 -6.75 -3.62
N THR A 241 -19.00 -7.59 -3.04
CA THR A 241 -19.46 -8.79 -2.33
C THR A 241 -20.46 -8.44 -1.23
N THR A 242 -20.22 -7.33 -0.56
CA THR A 242 -21.10 -6.90 0.52
C THR A 242 -22.24 -5.93 0.08
N SER A 243 -22.05 -5.20 -1.00
CA SER A 243 -23.05 -4.25 -1.50
C SER A 243 -24.01 -4.80 -2.56
N GLU A 244 -23.69 -5.97 -3.12
CA GLU A 244 -24.49 -6.59 -4.17
C GLU A 244 -24.71 -5.57 -5.28
N ILE A 245 -25.96 -5.33 -5.69
CA ILE A 245 -26.23 -4.33 -6.74
C ILE A 245 -26.87 -3.13 -6.03
N THR A 246 -26.05 -2.17 -5.64
CA THR A 246 -26.52 -0.98 -4.94
C THR A 246 -26.70 0.20 -5.89
N PRO A 247 -27.95 0.63 -6.10
CA PRO A 247 -28.21 1.77 -7.00
C PRO A 247 -27.75 3.11 -6.46
N VAL A 248 -27.15 3.91 -7.35
CA VAL A 248 -26.67 5.25 -7.03
C VAL A 248 -27.69 6.19 -7.68
N ILE A 249 -28.39 6.95 -6.84
CA ILE A 249 -29.41 7.86 -7.32
C ILE A 249 -29.00 9.33 -7.34
N GLU A 250 -27.85 9.64 -6.74
CA GLU A 250 -27.36 11.01 -6.67
C GLU A 250 -25.84 11.08 -6.51
N ILE A 251 -25.21 12.03 -7.23
CA ILE A 251 -23.77 12.23 -7.13
C ILE A 251 -23.49 13.72 -6.91
N ASP A 252 -22.98 14.05 -5.72
CA ASP A 252 -22.67 15.43 -5.35
C ASP A 252 -23.85 16.38 -5.53
N GLY A 253 -25.01 15.99 -5.01
CA GLY A 253 -26.20 16.81 -5.12
C GLY A 253 -26.92 16.71 -6.44
N LYS A 254 -26.26 16.16 -7.46
CA LYS A 254 -26.87 16.02 -8.78
C LYS A 254 -27.57 14.68 -8.95
N LEU A 255 -28.88 14.75 -9.23
CA LEU A 255 -29.69 13.55 -9.41
C LEU A 255 -29.38 12.79 -10.69
N ILE A 256 -29.31 11.46 -10.60
CA ILE A 256 -29.08 10.62 -11.75
C ILE A 256 -30.48 10.47 -12.35
N ARG A 257 -30.72 11.21 -13.43
CA ARG A 257 -32.02 11.25 -14.11
C ARG A 257 -33.04 11.84 -13.12
N ASP A 258 -34.06 11.07 -12.76
CA ASP A 258 -35.09 11.53 -11.83
C ASP A 258 -34.80 11.20 -10.36
N GLY A 259 -33.64 10.60 -10.11
CA GLY A 259 -33.28 10.21 -8.75
C GLY A 259 -34.03 8.99 -8.26
N LYS A 260 -34.52 8.16 -9.19
CA LYS A 260 -35.26 6.94 -8.86
C LYS A 260 -34.51 5.73 -9.38
N VAL A 261 -34.69 4.59 -8.73
CA VAL A 261 -34.03 3.35 -9.15
C VAL A 261 -34.58 2.97 -10.52
N GLY A 262 -33.68 2.76 -11.49
CA GLY A 262 -34.06 2.42 -12.84
C GLY A 262 -34.57 1.02 -13.11
N GLU A 263 -35.19 0.89 -14.28
CA GLU A 263 -35.78 -0.36 -14.74
C GLU A 263 -34.80 -1.51 -14.94
N TRP A 264 -33.68 -1.24 -15.62
CA TRP A 264 -32.70 -2.30 -15.87
C TRP A 264 -31.96 -2.70 -14.61
N THR A 265 -31.74 -1.74 -13.70
CA THR A 265 -31.07 -2.02 -12.44
C THR A 265 -31.96 -3.02 -11.68
N ARG A 266 -33.28 -2.85 -11.78
CA ARG A 266 -34.24 -3.75 -11.13
C ARG A 266 -34.21 -5.13 -11.78
N LYS A 267 -34.20 -5.17 -13.11
CA LYS A 267 -34.14 -6.46 -13.83
C LYS A 267 -32.88 -7.20 -13.44
N LEU A 268 -31.76 -6.47 -13.37
CA LEU A 268 -30.47 -7.06 -13.03
C LEU A 268 -30.48 -7.60 -11.61
N GLN A 269 -31.05 -6.84 -10.68
CA GLN A 269 -31.15 -7.27 -9.28
C GLN A 269 -31.99 -8.53 -9.16
N LYS A 270 -33.06 -8.59 -9.96
CA LYS A 270 -33.97 -9.73 -9.95
C LYS A 270 -33.22 -11.03 -10.35
N GLN A 271 -32.42 -10.93 -11.41
CA GLN A 271 -31.64 -12.06 -11.93
C GLN A 271 -30.52 -12.45 -10.95
N PHE A 272 -29.95 -11.45 -10.28
CA PHE A 272 -28.88 -11.68 -9.30
C PHE A 272 -29.44 -12.48 -8.11
N GLU A 273 -30.70 -12.22 -7.78
CA GLU A 273 -31.37 -12.88 -6.67
C GLU A 273 -31.54 -14.37 -6.93
N THR A 274 -31.61 -14.76 -8.19
CA THR A 274 -31.75 -16.17 -8.55
C THR A 274 -30.47 -16.96 -8.28
N LYS A 275 -29.36 -16.24 -8.11
CA LYS A 275 -28.05 -16.84 -7.86
C LYS A 275 -27.75 -17.06 -6.37
N ILE A 276 -28.40 -16.26 -5.52
CA ILE A 276 -28.23 -16.31 -4.07
C ILE A 276 -28.53 -17.69 -3.48
N PRO A 277 -27.65 -18.18 -2.58
CA PRO A 277 -27.83 -19.50 -1.94
C PRO A 277 -29.11 -19.55 -1.09
N GLY B 1 15.59 -8.98 21.98
CA GLY B 1 15.99 -7.69 22.59
C GLY B 1 14.80 -6.94 23.18
N TYR B 2 14.83 -5.62 23.04
CA TYR B 2 13.76 -4.76 23.54
C TYR B 2 13.07 -4.03 22.39
N THR B 3 11.74 -3.92 22.49
CA THR B 3 10.90 -3.28 21.49
C THR B 3 10.11 -2.11 22.05
N LEU B 4 10.06 -1.00 21.32
CA LEU B 4 9.27 0.16 21.73
C LEU B 4 7.82 -0.17 21.37
N TRP B 5 6.96 -0.18 22.38
CA TRP B 5 5.55 -0.47 22.17
C TRP B 5 4.74 0.66 22.79
N ASN B 6 4.34 1.58 21.94
CA ASN B 6 3.59 2.77 22.32
C ASN B 6 4.54 3.66 23.10
N ASP B 7 4.58 3.56 24.43
CA ASP B 7 5.52 4.37 25.22
C ASP B 7 6.29 3.58 26.29
N GLN B 8 6.42 2.28 26.07
CA GLN B 8 7.12 1.39 26.98
C GLN B 8 8.14 0.57 26.18
N ILE B 9 9.31 0.35 26.76
CA ILE B 9 10.37 -0.43 26.11
C ILE B 9 10.31 -1.83 26.73
N VAL B 10 9.53 -2.72 26.11
CA VAL B 10 9.36 -4.08 26.63
C VAL B 10 10.17 -5.10 25.86
N LYS B 11 10.11 -6.36 26.31
CA LYS B 11 10.81 -7.44 25.63
C LYS B 11 10.02 -7.84 24.39
N ASP B 12 10.75 -8.22 23.34
CA ASP B 12 10.15 -8.60 22.06
C ASP B 12 8.91 -9.49 22.12
N GLU B 13 8.90 -10.44 23.05
CA GLU B 13 7.80 -11.38 23.17
C GLU B 13 6.56 -10.86 23.90
N GLU B 14 6.67 -9.71 24.54
CA GLU B 14 5.56 -9.12 25.29
C GLU B 14 4.65 -8.21 24.44
N VAL B 15 4.99 -8.06 23.17
CA VAL B 15 4.24 -7.22 22.24
C VAL B 15 3.10 -7.96 21.54
N LYS B 16 1.90 -7.37 21.57
CA LYS B 16 0.73 -7.99 20.95
C LYS B 16 0.11 -7.14 19.84
N ILE B 17 0.30 -7.56 18.60
CA ILE B 17 -0.28 -6.86 17.46
C ILE B 17 -1.56 -7.59 17.07
N ASP B 18 -2.65 -6.82 16.98
CA ASP B 18 -3.95 -7.37 16.63
C ASP B 18 -4.12 -7.59 15.12
N LYS B 19 -4.90 -8.61 14.76
CA LYS B 19 -5.16 -8.93 13.35
C LYS B 19 -5.94 -7.81 12.67
N GLU B 20 -6.67 -7.01 13.45
CA GLU B 20 -7.44 -5.90 12.89
C GLU B 20 -6.77 -4.54 13.11
N ASP B 21 -5.46 -4.56 13.34
CA ASP B 21 -4.66 -3.34 13.47
C ASP B 21 -4.65 -2.88 12.00
N ARG B 22 -5.05 -1.63 11.77
CA ARG B 22 -5.15 -1.08 10.42
C ARG B 22 -3.85 -1.05 9.60
N GLY B 23 -2.71 -1.18 10.28
CA GLY B 23 -1.45 -1.21 9.56
C GLY B 23 -1.26 -2.58 8.90
N TYR B 24 -1.99 -3.57 9.41
CA TYR B 24 -1.93 -4.94 8.92
C TYR B 24 -2.96 -5.23 7.82
N GLN B 25 -4.12 -4.58 7.91
CA GLN B 25 -5.18 -4.80 6.93
C GLN B 25 -5.24 -3.81 5.77
N PHE B 26 -4.72 -2.60 5.97
CA PHE B 26 -4.74 -1.56 4.93
C PHE B 26 -3.40 -0.86 4.71
N GLY B 27 -2.39 -1.19 5.52
CA GLY B 27 -1.11 -0.52 5.40
C GLY B 27 -1.34 0.93 5.81
N ASP B 28 -2.36 1.12 6.66
CA ASP B 28 -2.78 2.41 7.17
C ASP B 28 -1.82 2.87 8.29
N GLY B 29 -0.67 3.39 7.88
CA GLY B 29 0.34 3.87 8.82
C GLY B 29 1.55 4.48 8.15
N VAL B 30 2.46 5.04 8.96
CA VAL B 30 3.68 5.67 8.43
C VAL B 30 4.90 5.17 9.22
N TYR B 31 6.10 5.39 8.68
CA TYR B 31 7.31 4.92 9.37
C TYR B 31 8.56 5.74 9.10
N GLU B 32 9.63 5.39 9.81
CA GLU B 32 10.93 6.05 9.67
C GLU B 32 12.06 5.05 9.95
N VAL B 33 13.26 5.40 9.50
CA VAL B 33 14.48 4.61 9.75
C VAL B 33 15.55 5.62 10.13
N VAL B 34 16.16 5.44 11.30
CA VAL B 34 17.22 6.34 11.78
C VAL B 34 18.52 5.57 11.94
N LYS B 35 19.61 6.11 11.40
CA LYS B 35 20.92 5.46 11.49
C LYS B 35 21.59 5.78 12.83
N VAL B 36 22.21 4.78 13.44
CA VAL B 36 22.92 4.95 14.71
C VAL B 36 24.40 4.65 14.51
N TYR B 37 25.25 5.63 14.85
CA TYR B 37 26.70 5.48 14.72
C TYR B 37 27.34 5.47 16.10
N ASN B 38 27.89 4.32 16.49
CA ASN B 38 28.54 4.18 17.78
C ASN B 38 27.63 4.66 18.92
N GLY B 39 26.40 4.17 18.93
CA GLY B 39 25.43 4.52 19.95
C GLY B 39 24.84 5.92 19.86
N GLU B 40 25.15 6.65 18.78
CA GLU B 40 24.63 8.00 18.61
C GLU B 40 23.68 8.11 17.42
N MET B 41 22.49 8.68 17.64
CA MET B 41 21.49 8.85 16.57
C MET B 41 21.81 10.02 15.63
N PHE B 42 21.74 9.75 14.33
CA PHE B 42 22.00 10.76 13.31
C PHE B 42 20.68 11.39 12.86
N THR B 43 20.67 12.72 12.77
CA THR B 43 19.49 13.52 12.37
C THR B 43 18.16 12.96 12.88
N VAL B 44 18.13 12.67 14.17
CA VAL B 44 16.94 12.10 14.80
C VAL B 44 15.73 13.02 14.80
N ASN B 45 15.95 14.31 15.11
CA ASN B 45 14.86 15.28 15.14
C ASN B 45 14.24 15.50 13.77
N GLU B 46 15.05 15.41 12.71
CA GLU B 46 14.56 15.57 11.35
C GLU B 46 13.65 14.40 11.00
N HIS B 47 14.03 13.21 11.44
CA HIS B 47 13.22 12.02 11.18
C HIS B 47 11.93 12.02 11.98
N ILE B 48 12.02 12.45 13.24
CA ILE B 48 10.85 12.53 14.11
C ILE B 48 9.86 13.54 13.51
N ASP B 49 10.39 14.67 13.01
CA ASP B 49 9.56 15.70 12.39
C ASP B 49 8.81 15.13 11.18
N ARG B 50 9.51 14.33 10.37
CA ARG B 50 8.88 13.73 9.20
C ARG B 50 7.82 12.69 9.60
N LEU B 51 8.09 11.91 10.65
CA LEU B 51 7.13 10.91 11.12
C LEU B 51 5.80 11.59 11.42
N TYR B 52 5.86 12.68 12.19
CA TYR B 52 4.67 13.43 12.58
C TYR B 52 3.97 14.04 11.37
N ALA B 53 4.76 14.55 10.43
CA ALA B 53 4.23 15.14 9.20
C ALA B 53 3.52 14.07 8.37
N SER B 54 4.16 12.91 8.21
CA SER B 54 3.58 11.80 7.46
C SER B 54 2.27 11.37 8.11
N ALA B 55 2.28 11.26 9.43
CA ALA B 55 1.11 10.86 10.20
C ALA B 55 -0.06 11.83 10.02
N GLU B 56 0.21 13.12 10.20
CA GLU B 56 -0.84 14.13 10.07
C GLU B 56 -1.40 14.26 8.65
N LYS B 57 -0.60 13.92 7.65
CA LYS B 57 -1.04 13.97 6.26
C LYS B 57 -2.16 12.96 6.04
N ILE B 58 -2.19 11.90 6.86
CA ILE B 58 -3.26 10.93 6.75
C ILE B 58 -4.16 10.99 7.99
N ARG B 59 -4.16 12.15 8.64
CA ARG B 59 -4.99 12.42 9.82
C ARG B 59 -4.73 11.60 11.09
N ILE B 60 -3.49 11.15 11.29
CA ILE B 60 -3.12 10.40 12.50
C ILE B 60 -2.37 11.36 13.41
N THR B 61 -2.85 11.49 14.65
CA THR B 61 -2.22 12.37 15.64
C THR B 61 -1.50 11.57 16.71
N ILE B 62 -0.16 11.56 16.63
CA ILE B 62 0.66 10.87 17.61
C ILE B 62 0.45 11.55 18.96
N PRO B 63 0.07 10.78 19.99
CA PRO B 63 -0.22 11.23 21.36
C PRO B 63 0.87 11.97 22.15
N TYR B 64 2.14 11.63 21.91
CA TYR B 64 3.26 12.23 22.63
C TYR B 64 3.90 13.45 21.98
N THR B 65 4.59 14.26 22.78
CA THR B 65 5.31 15.43 22.26
C THR B 65 6.51 14.86 21.49
N LYS B 66 7.06 15.63 20.56
CA LYS B 66 8.22 15.16 19.79
C LYS B 66 9.43 14.90 20.69
N ASP B 67 9.53 15.66 21.79
CA ASP B 67 10.64 15.48 22.72
C ASP B 67 10.51 14.15 23.47
N LYS B 68 9.28 13.76 23.79
CA LYS B 68 9.04 12.49 24.47
C LYS B 68 9.39 11.34 23.52
N PHE B 69 9.07 11.51 22.24
CA PHE B 69 9.39 10.49 21.25
C PHE B 69 10.91 10.33 21.14
N HIS B 70 11.61 11.45 21.10
CA HIS B 70 13.08 11.45 21.03
C HIS B 70 13.63 10.70 22.27
N GLN B 71 13.08 10.98 23.45
CA GLN B 71 13.54 10.30 24.66
C GLN B 71 13.28 8.80 24.63
N LEU B 72 12.21 8.40 23.97
CA LEU B 72 11.85 6.99 23.86
C LEU B 72 12.82 6.24 22.95
N LEU B 73 13.20 6.87 21.84
CA LEU B 73 14.16 6.26 20.91
C LEU B 73 15.54 6.15 21.57
N HIS B 74 15.87 7.13 22.42
CA HIS B 74 17.15 7.14 23.11
C HIS B 74 17.25 5.97 24.09
N GLU B 75 16.19 5.73 24.85
CA GLU B 75 16.15 4.63 25.81
C GLU B 75 16.23 3.27 25.10
N LEU B 76 15.60 3.19 23.94
CA LEU B 76 15.57 1.96 23.12
C LEU B 76 16.99 1.57 22.67
N VAL B 77 17.76 2.55 22.21
CA VAL B 77 19.13 2.32 21.75
C VAL B 77 20.01 1.84 22.90
N GLU B 78 19.81 2.39 24.09
CA GLU B 78 20.59 1.98 25.26
C GLU B 78 20.23 0.59 25.77
N LYS B 79 18.93 0.33 25.90
CA LYS B 79 18.49 -0.97 26.39
C LYS B 79 18.93 -2.11 25.48
N ASN B 80 19.10 -1.82 24.20
CA ASN B 80 19.53 -2.83 23.24
C ASN B 80 21.03 -2.86 23.04
N GLU B 81 21.72 -1.86 23.61
CA GLU B 81 23.18 -1.77 23.48
C GLU B 81 23.62 -1.66 22.03
N LEU B 82 22.85 -0.91 21.23
CA LEU B 82 23.14 -0.72 19.82
C LEU B 82 24.36 0.17 19.58
N ASN B 83 25.29 -0.32 18.80
CA ASN B 83 26.50 0.43 18.47
C ASN B 83 26.25 1.12 17.12
N THR B 84 26.46 0.39 16.03
CA THR B 84 26.24 0.91 14.69
C THR B 84 25.17 0.07 14.00
N GLY B 85 24.08 0.74 13.62
CA GLY B 85 22.99 0.06 12.95
C GLY B 85 21.89 1.06 12.70
N HIS B 86 20.64 0.68 12.98
CA HIS B 86 19.52 1.59 12.78
C HIS B 86 18.32 1.25 13.64
N ILE B 87 17.47 2.25 13.83
CA ILE B 87 16.25 2.10 14.59
C ILE B 87 15.12 2.16 13.55
N TYR B 88 14.17 1.24 13.64
CA TYR B 88 13.02 1.28 12.75
C TYR B 88 11.82 1.59 13.64
N PHE B 89 11.03 2.60 13.27
CA PHE B 89 9.83 2.95 14.03
C PHE B 89 8.64 3.35 13.17
N GLN B 90 7.44 2.91 13.59
CA GLN B 90 6.21 3.19 12.85
C GLN B 90 5.01 3.45 13.75
N VAL B 91 3.96 4.03 13.16
CA VAL B 91 2.71 4.30 13.85
C VAL B 91 1.54 4.00 12.90
N THR B 92 0.56 3.23 13.37
CA THR B 92 -0.61 2.91 12.55
C THR B 92 -1.82 3.60 13.17
N ARG B 93 -2.95 3.61 12.47
CA ARG B 93 -4.15 4.26 13.01
C ARG B 93 -4.69 3.51 14.22
N GLY B 94 -4.31 2.25 14.36
CA GLY B 94 -4.77 1.49 15.51
C GLY B 94 -5.65 0.32 15.16
N THR B 95 -6.14 -0.36 16.19
CA THR B 95 -7.00 -1.53 16.05
C THR B 95 -8.48 -1.18 16.13
N SER B 96 -9.24 -1.62 15.14
CA SER B 96 -10.67 -1.38 15.08
C SER B 96 -11.30 -2.36 14.09
N PRO B 97 -12.58 -2.74 14.31
CA PRO B 97 -13.28 -3.68 13.43
C PRO B 97 -13.12 -3.23 11.98
N ARG B 98 -12.68 -4.14 11.12
CA ARG B 98 -12.41 -3.83 9.72
C ARG B 98 -13.45 -3.03 8.94
N ALA B 99 -12.99 -1.90 8.40
CA ALA B 99 -13.80 -0.99 7.58
C ALA B 99 -12.83 0.03 6.97
N HIS B 100 -13.05 0.38 5.70
CA HIS B 100 -12.20 1.35 5.00
C HIS B 100 -12.10 2.72 5.66
N GLN B 101 -13.25 3.27 6.03
CA GLN B 101 -13.28 4.59 6.65
C GLN B 101 -12.66 4.62 8.05
N PHE B 102 -12.28 5.81 8.49
CA PHE B 102 -11.68 5.98 9.81
C PHE B 102 -12.64 5.51 10.91
N PRO B 103 -12.09 4.99 12.02
CA PRO B 103 -12.89 4.52 13.15
C PRO B 103 -13.77 5.67 13.67
N GLU B 104 -15.08 5.44 13.79
CA GLU B 104 -16.05 6.44 14.25
C GLU B 104 -15.56 7.16 15.50
N ASN B 105 -15.25 6.37 16.53
CA ASN B 105 -14.70 6.93 17.76
C ASN B 105 -13.22 6.64 17.73
N THR B 106 -12.43 7.72 17.71
CA THR B 106 -10.98 7.64 17.66
C THR B 106 -10.31 6.65 18.62
N VAL B 107 -9.73 5.61 18.04
CA VAL B 107 -9.02 4.57 18.78
C VAL B 107 -7.57 5.04 18.88
N LYS B 108 -6.80 4.44 19.78
CA LYS B 108 -5.42 4.85 19.95
C LYS B 108 -4.47 4.31 18.90
N PRO B 109 -3.61 5.19 18.34
CA PRO B 109 -2.64 4.77 17.32
C PRO B 109 -1.66 3.78 17.94
N VAL B 110 -1.17 2.85 17.13
CA VAL B 110 -0.22 1.85 17.63
C VAL B 110 1.21 2.16 17.16
N ILE B 111 2.10 2.33 18.13
CA ILE B 111 3.50 2.64 17.88
C ILE B 111 4.40 1.43 18.14
N ILE B 112 5.30 1.16 17.20
CA ILE B 112 6.24 0.04 17.27
C ILE B 112 7.62 0.51 16.82
N GLY B 113 8.65 0.17 17.59
CA GLY B 113 10.01 0.56 17.23
C GLY B 113 11.01 -0.46 17.73
N TYR B 114 12.05 -0.70 16.95
CA TYR B 114 13.09 -1.66 17.34
C TYR B 114 14.43 -1.38 16.67
N THR B 115 15.49 -2.00 17.16
CA THR B 115 16.83 -1.79 16.63
C THR B 115 17.39 -2.97 15.84
N LYS B 116 18.50 -2.73 15.15
CA LYS B 116 19.15 -3.73 14.33
C LYS B 116 20.61 -3.31 14.08
N GLU B 117 21.56 -4.12 14.56
CA GLU B 117 23.00 -3.86 14.38
C GLU B 117 23.34 -4.11 12.90
N ASN B 118 23.89 -3.10 12.23
CA ASN B 118 24.22 -3.20 10.82
C ASN B 118 25.33 -2.18 10.51
N PRO B 119 26.47 -2.66 9.98
CA PRO B 119 27.60 -1.78 9.66
C PRO B 119 27.35 -0.84 8.47
N ARG B 120 28.22 0.16 8.32
CA ARG B 120 28.13 1.08 7.19
C ARG B 120 28.55 0.29 5.95
N PRO B 121 27.88 0.53 4.80
CA PRO B 121 28.20 -0.17 3.57
C PRO B 121 29.52 0.31 2.95
N LEU B 122 30.63 -0.04 3.62
CA LEU B 122 31.97 0.35 3.19
C LEU B 122 32.32 0.13 1.72
N GLU B 123 32.15 -1.11 1.27
CA GLU B 123 32.43 -1.49 -0.12
C GLU B 123 31.65 -0.66 -1.15
N ASN B 124 30.34 -0.53 -0.95
CA ASN B 124 29.48 0.23 -1.87
C ASN B 124 29.87 1.70 -1.93
N LEU B 125 30.20 2.26 -0.78
CA LEU B 125 30.58 3.67 -0.71
C LEU B 125 31.83 3.99 -1.52
N GLU B 126 32.76 3.04 -1.58
CA GLU B 126 34.01 3.27 -2.32
C GLU B 126 34.04 2.77 -3.75
N LYS B 127 33.51 1.58 -3.97
CA LYS B 127 33.51 0.98 -5.31
C LYS B 127 32.32 1.35 -6.18
N GLY B 128 31.20 1.69 -5.55
CA GLY B 128 29.99 2.01 -6.30
C GLY B 128 29.20 0.74 -6.56
N VAL B 129 27.99 0.84 -7.10
CA VAL B 129 27.16 -0.33 -7.35
C VAL B 129 26.46 -0.30 -8.72
N LYS B 130 25.83 -1.42 -9.08
CA LYS B 130 25.08 -1.51 -10.34
C LYS B 130 23.61 -1.24 -10.06
N ALA B 131 22.93 -0.59 -11.00
CA ALA B 131 21.52 -0.28 -10.86
C ALA B 131 20.76 -0.73 -12.11
N THR B 132 19.44 -0.74 -12.04
CA THR B 132 18.60 -1.12 -13.17
C THR B 132 17.36 -0.22 -13.22
N PHE B 133 16.96 0.18 -14.42
CA PHE B 133 15.78 1.03 -14.61
C PHE B 133 14.50 0.19 -14.48
N VAL B 134 13.53 0.69 -13.72
CA VAL B 134 12.26 0.01 -13.50
C VAL B 134 11.14 1.06 -13.53
N GLU B 135 10.09 0.78 -14.29
CA GLU B 135 8.95 1.71 -14.38
C GLU B 135 8.31 1.90 -13.02
N ASP B 136 8.08 3.16 -12.67
CA ASP B 136 7.45 3.55 -11.41
C ASP B 136 5.93 3.34 -11.53
N ILE B 137 5.40 2.35 -10.82
CA ILE B 137 3.96 2.04 -10.85
C ILE B 137 3.26 2.36 -9.52
N ARG B 138 3.93 3.11 -8.66
CA ARG B 138 3.41 3.45 -7.35
C ARG B 138 2.34 4.52 -7.36
N TRP B 139 1.66 4.69 -6.23
CA TRP B 139 0.61 5.69 -6.10
C TRP B 139 1.12 7.13 -6.22
N LEU B 140 0.19 8.08 -6.20
CA LEU B 140 0.54 9.47 -6.38
C LEU B 140 0.82 10.30 -5.13
N ARG B 141 1.01 9.64 -3.98
CA ARG B 141 1.34 10.34 -2.74
C ARG B 141 2.63 9.79 -2.14
N CYS B 142 3.66 9.73 -2.97
CA CYS B 142 4.97 9.22 -2.57
C CYS B 142 5.68 10.13 -1.57
N ASP B 143 5.12 11.31 -1.32
CA ASP B 143 5.67 12.26 -0.35
C ASP B 143 5.35 11.81 1.08
N ILE B 144 4.39 10.89 1.22
CA ILE B 144 4.00 10.34 2.52
C ILE B 144 4.78 9.04 2.67
N LYS B 145 5.52 8.91 3.78
CA LYS B 145 6.31 7.70 4.03
C LYS B 145 5.41 6.64 4.65
N SER B 146 4.50 6.09 3.85
CA SER B 146 3.55 5.09 4.33
C SER B 146 3.98 3.63 4.20
N LEU B 147 3.20 2.77 4.84
CA LEU B 147 3.44 1.32 4.85
C LEU B 147 2.96 0.64 3.57
N ASN B 148 2.39 1.41 2.65
CA ASN B 148 1.94 0.88 1.36
C ASN B 148 3.20 0.84 0.53
N LEU B 149 3.93 -0.27 0.61
CA LEU B 149 5.20 -0.41 -0.10
C LEU B 149 5.31 -1.58 -1.07
N LEU B 150 4.19 -2.12 -1.53
CA LEU B 150 4.22 -3.26 -2.44
C LEU B 150 4.92 -2.95 -3.77
N GLY B 151 4.83 -1.70 -4.20
CA GLY B 151 5.48 -1.33 -5.45
C GLY B 151 6.98 -1.41 -5.29
N ALA B 152 7.47 -0.87 -4.18
CA ALA B 152 8.91 -0.88 -3.90
C ALA B 152 9.44 -2.29 -3.67
N VAL B 153 8.62 -3.17 -3.13
CA VAL B 153 9.02 -4.56 -2.88
C VAL B 153 9.30 -5.25 -4.23
N LEU B 154 8.34 -5.13 -5.15
CA LEU B 154 8.47 -5.71 -6.48
C LEU B 154 9.64 -5.12 -7.27
N ALA B 155 9.86 -3.81 -7.11
CA ALA B 155 10.95 -3.12 -7.79
C ALA B 155 12.33 -3.55 -7.27
N LYS B 156 12.46 -3.65 -5.94
CA LYS B 156 13.73 -4.07 -5.34
C LYS B 156 14.05 -5.52 -5.72
N GLN B 157 13.01 -6.37 -5.71
CA GLN B 157 13.18 -7.77 -6.07
C GLN B 157 13.71 -7.90 -7.50
N GLU B 158 13.15 -7.11 -8.42
CA GLU B 158 13.60 -7.13 -9.81
C GLU B 158 15.08 -6.73 -9.93
N ALA B 159 15.49 -5.78 -9.09
CA ALA B 159 16.88 -5.31 -9.08
C ALA B 159 17.81 -6.45 -8.64
N HIS B 160 17.48 -7.07 -7.49
CA HIS B 160 18.28 -8.17 -6.95
C HIS B 160 18.43 -9.36 -7.90
N GLU B 161 17.36 -9.70 -8.61
CA GLU B 161 17.40 -10.83 -9.55
C GLU B 161 18.35 -10.54 -10.70
N LYS B 162 18.57 -9.25 -10.97
CA LYS B 162 19.48 -8.82 -12.04
C LYS B 162 20.88 -8.56 -11.48
N GLY B 163 21.09 -8.86 -10.20
CA GLY B 163 22.37 -8.64 -9.57
C GLY B 163 22.67 -7.16 -9.33
N CYS B 164 21.60 -6.38 -9.15
CA CYS B 164 21.72 -4.95 -8.92
C CYS B 164 21.36 -4.55 -7.49
N TYR B 165 22.03 -3.53 -6.99
CA TYR B 165 21.84 -3.03 -5.64
C TYR B 165 20.55 -2.24 -5.49
N GLU B 166 20.19 -1.51 -6.55
CA GLU B 166 19.00 -0.68 -6.50
C GLU B 166 18.26 -0.54 -7.83
N ALA B 167 16.94 -0.38 -7.73
CA ALA B 167 16.08 -0.15 -8.87
C ALA B 167 15.82 1.36 -8.96
N ILE B 168 16.21 1.96 -10.07
CA ILE B 168 15.99 3.40 -10.29
C ILE B 168 14.66 3.52 -11.04
N LEU B 169 13.65 4.03 -10.33
CA LEU B 169 12.30 4.16 -10.87
C LEU B 169 12.13 5.34 -11.82
N HIS B 170 11.24 5.18 -12.80
CA HIS B 170 10.98 6.24 -13.75
C HIS B 170 9.53 6.26 -14.23
N ARG B 171 8.94 7.44 -14.29
CA ARG B 171 7.57 7.60 -14.75
C ARG B 171 7.62 8.52 -15.97
N ASN B 172 7.08 8.05 -17.10
CA ASN B 172 7.09 8.81 -18.35
C ASN B 172 8.53 9.04 -18.78
N ASN B 173 9.37 8.03 -18.55
CA ASN B 173 10.80 8.07 -18.90
C ASN B 173 11.57 9.08 -18.05
N THR B 174 10.91 9.63 -17.04
CA THR B 174 11.53 10.60 -16.13
C THR B 174 11.90 9.93 -14.79
N VAL B 175 13.19 9.92 -14.47
CA VAL B 175 13.68 9.33 -13.22
C VAL B 175 13.07 10.04 -12.01
N THR B 176 12.46 9.28 -11.11
CA THR B 176 11.88 9.86 -9.90
C THR B 176 12.83 9.64 -8.72
N GLU B 177 12.82 8.43 -8.16
CA GLU B 177 13.70 8.07 -7.04
C GLU B 177 13.95 6.56 -7.10
N GLY B 178 14.73 6.02 -6.17
CA GLY B 178 14.99 4.60 -6.13
C GLY B 178 13.94 3.88 -5.29
N SER B 179 13.87 2.55 -5.35
CA SER B 179 12.88 1.81 -4.57
C SER B 179 12.97 2.10 -3.07
N SER B 180 14.14 2.51 -2.60
CA SER B 180 14.31 2.87 -1.18
C SER B 180 15.40 3.94 -1.00
N SER B 181 15.47 4.87 -1.96
CA SER B 181 16.45 5.95 -1.96
C SER B 181 16.09 7.08 -2.92
N ASN B 182 16.84 8.17 -2.85
CA ASN B 182 16.67 9.31 -3.77
C ASN B 182 17.82 9.22 -4.76
N VAL B 183 17.60 9.73 -5.97
CA VAL B 183 18.60 9.70 -7.04
C VAL B 183 19.16 11.07 -7.44
N PHE B 184 20.50 11.13 -7.50
CA PHE B 184 21.21 12.35 -7.87
C PHE B 184 22.10 12.12 -9.12
N GLY B 185 22.26 13.17 -9.91
CA GLY B 185 23.08 13.11 -11.11
C GLY B 185 23.97 14.32 -11.20
N ILE B 186 25.17 14.14 -11.73
CA ILE B 186 26.13 15.24 -11.86
C ILE B 186 26.62 15.37 -13.29
N LYS B 187 26.66 16.61 -13.77
CA LYS B 187 27.13 16.89 -15.13
C LYS B 187 27.65 18.31 -15.19
N ASP B 188 28.89 18.45 -15.68
CA ASP B 188 29.55 19.75 -15.81
C ASP B 188 29.63 20.47 -14.47
N GLY B 189 29.84 19.72 -13.39
CA GLY B 189 29.94 20.30 -12.06
C GLY B 189 28.63 20.77 -11.45
N ILE B 190 27.51 20.37 -12.02
CA ILE B 190 26.20 20.76 -11.50
C ILE B 190 25.55 19.52 -10.88
N LEU B 191 24.83 19.70 -9.78
CA LEU B 191 24.17 18.57 -9.13
C LEU B 191 22.67 18.63 -9.40
N TYR B 192 22.13 17.55 -9.95
CA TYR B 192 20.70 17.49 -10.27
C TYR B 192 19.92 16.40 -9.49
N THR B 193 18.65 16.69 -9.20
CA THR B 193 17.79 15.74 -8.51
C THR B 193 16.33 16.17 -8.64
N HIS B 194 15.43 15.20 -8.80
CA HIS B 194 13.99 15.46 -8.93
C HIS B 194 13.48 16.30 -7.76
N PRO B 195 12.67 17.35 -8.05
CA PRO B 195 12.13 18.22 -7.00
C PRO B 195 11.19 17.49 -6.03
N ALA B 196 11.12 18.00 -4.81
CA ALA B 196 10.29 17.41 -3.77
C ALA B 196 8.80 17.67 -3.92
N ASN B 197 8.14 16.90 -4.78
CA ASN B 197 6.70 17.03 -4.94
C ASN B 197 6.09 15.70 -4.51
N ASN B 198 4.87 15.42 -4.97
CA ASN B 198 4.16 14.19 -4.63
C ASN B 198 4.72 12.92 -5.28
N MET B 199 5.64 13.08 -6.23
CA MET B 199 6.22 11.94 -6.94
C MET B 199 7.35 11.24 -6.18
N ILE B 200 7.92 11.91 -5.19
CA ILE B 200 9.03 11.31 -4.42
C ILE B 200 8.94 11.56 -2.91
N LEU B 201 9.85 10.93 -2.17
CA LEU B 201 9.94 11.14 -0.73
C LEU B 201 11.08 12.15 -0.58
N LYS B 202 10.84 13.22 0.17
CA LYS B 202 11.86 14.24 0.39
C LYS B 202 12.81 13.65 1.45
N GLY B 203 13.80 12.90 1.00
CA GLY B 203 14.73 12.24 1.91
C GLY B 203 15.51 13.12 2.86
N ILE B 204 15.84 12.58 4.02
CA ILE B 204 16.60 13.33 5.02
C ILE B 204 18.07 13.37 4.58
N THR B 205 18.55 12.28 3.98
CA THR B 205 19.92 12.21 3.48
C THR B 205 20.03 13.15 2.28
N ARG B 206 18.96 13.18 1.48
CA ARG B 206 18.84 14.04 0.31
C ARG B 206 19.04 15.49 0.72
N ASP B 207 18.33 15.93 1.76
CA ASP B 207 18.44 17.29 2.25
C ASP B 207 19.83 17.63 2.78
N VAL B 208 20.44 16.68 3.50
CA VAL B 208 21.79 16.87 4.05
C VAL B 208 22.81 16.99 2.91
N VAL B 209 22.65 16.18 1.87
CA VAL B 209 23.55 16.20 0.71
C VAL B 209 23.42 17.52 -0.04
N ILE B 210 22.19 18.02 -0.18
CA ILE B 210 21.96 19.29 -0.86
C ILE B 210 22.61 20.39 -0.03
N ALA B 211 22.56 20.24 1.29
CA ALA B 211 23.17 21.21 2.21
C ALA B 211 24.70 21.13 2.08
N CYS B 212 25.22 19.92 1.85
CA CYS B 212 26.66 19.71 1.69
C CYS B 212 27.17 20.36 0.41
N ALA B 213 26.36 20.28 -0.66
CA ALA B 213 26.73 20.88 -1.95
C ALA B 213 26.88 22.39 -1.77
N ASN B 214 25.94 22.98 -1.03
CA ASN B 214 25.97 24.42 -0.75
C ASN B 214 27.28 24.77 -0.05
N GLU B 215 27.61 23.99 0.98
CA GLU B 215 28.83 24.19 1.78
C GLU B 215 30.15 24.04 1.00
N ILE B 216 30.15 23.24 -0.06
CA ILE B 216 31.36 23.09 -0.87
C ILE B 216 31.30 23.94 -2.14
N ASN B 217 30.36 24.88 -2.17
CA ASN B 217 30.18 25.81 -3.28
C ASN B 217 29.78 25.16 -4.63
N MET B 218 29.06 24.04 -4.58
CA MET B 218 28.63 23.35 -5.79
C MET B 218 27.17 23.69 -6.08
N PRO B 219 26.88 24.11 -7.34
CA PRO B 219 25.54 24.48 -7.80
C PRO B 219 24.55 23.32 -7.75
N VAL B 220 23.34 23.60 -7.27
CA VAL B 220 22.29 22.58 -7.17
C VAL B 220 21.08 22.99 -8.01
N LYS B 221 20.57 22.05 -8.80
CA LYS B 221 19.37 22.29 -9.61
C LYS B 221 18.37 21.16 -9.33
N GLU B 222 17.28 21.50 -8.66
CA GLU B 222 16.26 20.51 -8.34
C GLU B 222 15.25 20.36 -9.47
N ILE B 223 15.77 19.91 -10.61
CA ILE B 223 15.01 19.68 -11.85
C ILE B 223 15.13 18.18 -12.20
N PRO B 224 14.04 17.57 -12.72
CA PRO B 224 14.05 16.15 -13.10
C PRO B 224 14.79 15.84 -14.41
N PHE B 225 15.31 14.62 -14.50
CA PHE B 225 16.02 14.15 -15.68
C PHE B 225 15.50 12.80 -16.18
N THR B 226 15.59 12.58 -17.49
CA THR B 226 15.14 11.33 -18.11
C THR B 226 16.15 10.20 -17.95
N THR B 227 15.77 8.99 -18.34
CA THR B 227 16.66 7.84 -18.28
C THR B 227 17.81 8.09 -19.25
N HIS B 228 17.49 8.71 -20.39
CA HIS B 228 18.49 9.05 -21.41
C HIS B 228 19.49 10.03 -20.84
N GLU B 229 19.00 11.01 -20.09
CA GLU B 229 19.84 12.01 -19.46
C GLU B 229 20.65 11.42 -18.31
N ALA B 230 20.04 10.47 -17.59
CA ALA B 230 20.72 9.80 -16.48
C ALA B 230 21.94 9.02 -16.98
N LEU B 231 21.79 8.37 -18.14
CA LEU B 231 22.89 7.60 -18.72
C LEU B 231 24.02 8.48 -19.26
N LYS B 232 23.73 9.77 -19.48
CA LYS B 232 24.73 10.70 -20.00
C LYS B 232 25.41 11.57 -18.94
N MET B 233 25.02 11.36 -17.68
CA MET B 233 25.60 12.13 -16.57
C MET B 233 27.08 11.80 -16.38
N ASP B 234 27.84 12.76 -15.86
CA ASP B 234 29.26 12.53 -15.62
C ASP B 234 29.42 11.62 -14.39
N GLU B 235 28.53 11.80 -13.41
CA GLU B 235 28.52 11.03 -12.16
C GLU B 235 27.07 10.77 -11.77
N LEU B 236 26.85 9.78 -10.89
CA LEU B 236 25.49 9.42 -10.46
C LEU B 236 25.57 8.67 -9.11
N PHE B 237 24.62 8.93 -8.21
CA PHE B 237 24.56 8.26 -6.91
C PHE B 237 23.17 8.27 -6.27
N VAL B 238 22.92 7.32 -5.38
CA VAL B 238 21.65 7.24 -4.67
C VAL B 238 21.87 7.59 -3.19
N THR B 239 20.81 8.01 -2.49
CA THR B 239 20.94 8.38 -1.07
C THR B 239 19.81 7.83 -0.19
N SER B 240 20.17 7.43 1.02
CA SER B 240 19.20 6.93 2.00
C SER B 240 19.88 6.87 3.37
N THR B 241 19.06 6.80 4.41
CA THR B 241 19.57 6.72 5.80
C THR B 241 20.56 5.57 6.00
N THR B 242 20.33 4.46 5.30
CA THR B 242 21.20 3.29 5.38
C THR B 242 22.30 3.26 4.31
N SER B 243 21.99 3.79 3.13
CA SER B 243 22.96 3.81 2.02
C SER B 243 23.89 5.01 2.00
N GLU B 244 23.57 6.05 2.77
CA GLU B 244 24.38 7.27 2.81
C GLU B 244 24.53 7.73 1.35
N ILE B 245 25.76 7.97 0.90
CA ILE B 245 25.99 8.36 -0.50
C ILE B 245 26.68 7.20 -1.21
N THR B 246 25.88 6.39 -1.89
CA THR B 246 26.39 5.23 -2.64
C THR B 246 26.46 5.51 -4.15
N PRO B 247 27.68 5.63 -4.70
CA PRO B 247 27.80 5.90 -6.13
C PRO B 247 27.29 4.78 -7.04
N VAL B 248 26.68 5.18 -8.16
CA VAL B 248 26.18 4.24 -9.16
C VAL B 248 27.13 4.37 -10.34
N ILE B 249 27.80 3.28 -10.67
CA ILE B 249 28.78 3.27 -11.75
C ILE B 249 28.29 2.63 -13.05
N GLU B 250 27.13 1.97 -12.97
CA GLU B 250 26.57 1.28 -14.13
C GLU B 250 25.06 1.05 -14.03
N ILE B 251 24.34 1.32 -15.12
CA ILE B 251 22.89 1.10 -15.16
C ILE B 251 22.58 0.18 -16.35
N ASP B 252 22.00 -0.98 -16.06
CA ASP B 252 21.65 -1.95 -17.09
C ASP B 252 22.83 -2.31 -17.98
N GLY B 253 24.00 -2.50 -17.36
CA GLY B 253 25.19 -2.85 -18.12
C GLY B 253 25.85 -1.67 -18.82
N LYS B 254 25.21 -0.51 -18.81
CA LYS B 254 25.78 0.67 -19.46
C LYS B 254 26.54 1.48 -18.41
N LEU B 255 27.84 1.65 -18.62
CA LEU B 255 28.68 2.39 -17.68
C LEU B 255 28.33 3.88 -17.59
N ILE B 256 28.58 4.46 -16.42
CA ILE B 256 28.36 5.88 -16.18
C ILE B 256 29.78 6.43 -16.33
N ARG B 257 30.02 7.13 -17.45
CA ARG B 257 31.35 7.68 -17.77
C ARG B 257 32.27 6.49 -17.98
N ASP B 258 33.24 6.30 -17.08
CA ASP B 258 34.19 5.19 -17.19
C ASP B 258 33.91 4.03 -16.23
N GLY B 259 32.78 4.10 -15.51
CA GLY B 259 32.42 3.05 -14.57
C GLY B 259 33.14 3.20 -13.24
N LYS B 260 33.67 4.40 -12.97
CA LYS B 260 34.39 4.67 -11.71
C LYS B 260 33.82 5.88 -10.97
N VAL B 261 34.00 5.92 -9.65
CA VAL B 261 33.49 7.00 -8.81
C VAL B 261 34.08 8.37 -9.15
N GLY B 262 33.20 9.35 -9.38
CA GLY B 262 33.64 10.69 -9.74
C GLY B 262 34.17 11.57 -8.63
N GLU B 263 34.80 12.67 -9.01
CA GLU B 263 35.41 13.61 -8.05
C GLU B 263 34.41 14.39 -7.19
N TRP B 264 33.31 14.82 -7.79
CA TRP B 264 32.29 15.58 -7.06
C TRP B 264 31.57 14.70 -6.05
N THR B 265 31.38 13.43 -6.40
CA THR B 265 30.73 12.49 -5.48
C THR B 265 31.68 12.36 -4.28
N ARG B 266 32.98 12.26 -4.56
CA ARG B 266 33.98 12.15 -3.51
C ARG B 266 33.94 13.38 -2.59
N LYS B 267 33.87 14.58 -3.18
CA LYS B 267 33.80 15.82 -2.40
C LYS B 267 32.57 15.84 -1.49
N LEU B 268 31.45 15.34 -2.02
CA LEU B 268 30.22 15.28 -1.24
C LEU B 268 30.33 14.25 -0.12
N GLN B 269 30.98 13.12 -0.40
CA GLN B 269 31.17 12.08 0.61
C GLN B 269 32.03 12.59 1.75
N LYS B 270 33.02 13.43 1.42
CA LYS B 270 33.94 14.01 2.39
C LYS B 270 33.25 15.03 3.28
N GLN B 271 32.39 15.84 2.69
CA GLN B 271 31.66 16.85 3.48
C GLN B 271 30.57 16.17 4.35
N PHE B 272 29.98 15.10 3.82
CA PHE B 272 28.92 14.36 4.51
C PHE B 272 29.46 13.72 5.79
N GLU B 273 30.70 13.26 5.71
CA GLU B 273 31.39 12.62 6.82
C GLU B 273 31.55 13.55 8.05
N THR B 274 31.62 14.86 7.80
CA THR B 274 31.75 15.84 8.90
C THR B 274 30.47 15.99 9.72
N LYS B 275 29.36 15.50 9.18
CA LYS B 275 28.05 15.57 9.85
C LYS B 275 27.77 14.36 10.75
N ILE B 276 28.40 13.24 10.41
CA ILE B 276 28.24 11.98 11.14
C ILE B 276 28.70 12.03 12.61
N PRO B 277 27.94 11.37 13.51
CA PRO B 277 28.24 11.32 14.95
C PRO B 277 29.52 10.51 15.22
N PDD C . -13.87 -5.83 -2.08
N1 PDD C . -13.08 -2.88 -6.38
C2 PDD C . -12.45 -2.65 -5.22
C2A PDD C . -11.40 -1.59 -5.21
C3 PDD C . -12.75 -3.37 -4.06
O3A PDD C . -11.90 -3.24 -2.96
C4 PDD C . -13.90 -4.18 -4.02
C4A PDD C . -14.43 -4.59 -2.65
C5 PDD C . -14.50 -4.51 -5.26
C5A PDD C . -15.59 -5.56 -5.40
OP4 PDD C . -15.07 -6.85 -5.70
P PDD C . -15.94 -8.08 -5.32
OP1 PDD C . -16.21 -8.05 -3.85
OP2 PDD C . -15.20 -9.33 -5.69
OP3 PDD C . -17.23 -8.05 -6.06
C6 PDD C . -14.08 -3.79 -6.38
CA PDD C . -14.16 -6.20 -0.68
CB PDD C . -15.66 -6.46 -0.44
C PDD C . -13.61 -5.23 0.43
O PDD C . -12.60 -4.61 0.39
OXT PDD C . -14.44 -5.17 1.49
N PDD D . 13.64 4.98 3.43
N1 PDD D . 12.74 7.32 -1.17
C2 PDD D . 12.21 6.18 -0.72
C2A PDD D . 11.10 5.58 -1.52
C3 PDD D . 12.66 5.56 0.44
O3A PDD D . 11.98 4.43 0.89
C4 PDD D . 13.79 6.07 1.13
C4A PDD D . 14.42 5.20 2.22
C5 PDD D . 14.29 7.33 0.71
C5A PDD D . 15.41 8.06 1.46
OP4 PDD D . 14.97 8.84 2.56
P PDD D . 15.98 9.06 3.74
OP1 PDD D . 16.24 7.74 4.40
OP2 PDD D . 15.39 10.01 4.73
OP3 PDD D . 17.25 9.61 3.20
C6 PDD D . 13.74 7.88 -0.47
CA PDD D . 14.06 3.95 4.41
CB PDD D . 15.59 3.92 4.58
C PDD D . 13.53 2.50 4.16
O PDD D . 12.47 2.21 3.70
OXT PDD D . 14.43 1.56 4.55
#